data_3G14
#
_entry.id   3G14
#
_cell.length_a   58.350
_cell.length_b   44.950
_cell.length_c   66.960
_cell.angle_alpha   90.000
_cell.angle_beta   93.720
_cell.angle_gamma   90.000
#
_symmetry.space_group_name_H-M   'P 1 21 1'
#
loop_
_entity.id
_entity.type
_entity.pdbx_description
1 polymer 'Nitroreductase family protein'
2 non-polymer 'SULFATE ION'
3 non-polymer 'ACETATE ION'
4 non-polymer GLYCEROL
5 water water
#
_entity_poly.entity_id   1
_entity_poly.type   'polypeptide(L)'
_entity_poly.pdbx_seq_one_letter_code
;G(MSE)EFYEVIKKRKSIKKFEQTAIDRDKLLKIID(MSE)A(MSE)RAPSWKNKTPYKFIVVESDKLKLDIANAIENKT
SAASEAVLNSP(MSE)TIVAVANPEESGDVSGKEIYLIDTAIA(MSE)EHIVLGATDEGYGTCWIAAFNENKIKEALKIP
DNLRVVALTPLGVPKDSAEDEPHHPKKD(MSE)DEYLYIDKWGTSF(MSE)ESNVKILEKN
;
_entity_poly.pdbx_strand_id   A,B
#
# COMPACT_ATOMS: atom_id res chain seq x y z
N GLU A 3 -5.79 4.05 -18.83
CA GLU A 3 -4.39 3.61 -18.77
C GLU A 3 -3.91 3.67 -17.34
N PHE A 4 -2.97 2.78 -17.01
CA PHE A 4 -2.51 2.69 -15.64
C PHE A 4 -1.96 4.01 -15.09
N TYR A 5 -1.04 4.63 -15.82
CA TYR A 5 -0.42 5.84 -15.32
C TYR A 5 -1.51 6.94 -15.15
N GLU A 6 -2.51 6.95 -16.03
CA GLU A 6 -3.57 7.96 -15.96
C GLU A 6 -4.38 7.83 -14.68
N VAL A 7 -4.67 6.60 -14.25
CA VAL A 7 -5.33 6.35 -12.95
C VAL A 7 -4.48 6.89 -11.78
N ILE A 8 -3.20 6.55 -11.76
CA ILE A 8 -2.31 7.12 -10.75
C ILE A 8 -2.42 8.64 -10.68
N LYS A 9 -2.37 9.31 -11.83
CA LYS A 9 -2.40 10.77 -11.87
C LYS A 9 -3.75 11.34 -11.51
N LYS A 10 -4.82 10.62 -11.87
CA LYS A 10 -6.19 11.09 -11.63
C LYS A 10 -6.63 10.91 -10.18
N ARG A 11 -6.06 9.94 -9.46
CA ARG A 11 -6.46 9.74 -8.08
C ARG A 11 -6.26 10.99 -7.21
N LYS A 12 -7.32 11.37 -6.49
CA LYS A 12 -7.27 12.48 -5.51
C LYS A 12 -8.21 12.18 -4.37
N SER A 13 -7.99 12.84 -3.24
CA SER A 13 -8.93 12.70 -2.12
C SER A 13 -10.17 13.49 -2.43
N ILE A 14 -11.31 12.81 -2.41
CA ILE A 14 -12.60 13.39 -2.72
C ILE A 14 -13.43 13.46 -1.44
N LYS A 15 -14.04 14.61 -1.23
CA LYS A 15 -14.84 14.87 -0.06
C LYS A 15 -16.29 15.14 -0.44
N LYS A 16 -16.56 15.47 -1.71
CA LYS A 16 -17.90 15.79 -2.17
C LYS A 16 -18.37 14.79 -3.21
N PHE A 17 -19.57 14.26 -3.01
CA PHE A 17 -20.10 13.18 -3.83
C PHE A 17 -21.52 13.43 -4.29
N GLU A 18 -21.88 12.79 -5.41
CA GLU A 18 -23.26 12.70 -5.86
C GLU A 18 -23.93 11.61 -5.02
N GLN A 19 -25.26 11.58 -5.06
CA GLN A 19 -26.06 10.53 -4.41
C GLN A 19 -26.04 9.21 -5.20
N THR A 20 -25.60 9.27 -6.46
CA THR A 20 -25.68 8.17 -7.42
C THR A 20 -25.28 6.82 -6.79
N ALA A 21 -26.11 5.81 -6.94
CA ALA A 21 -25.80 4.46 -6.50
C ALA A 21 -24.54 3.93 -7.17
N ILE A 22 -23.82 3.09 -6.42
CA ILE A 22 -22.65 2.38 -6.93
C ILE A 22 -23.17 1.24 -7.76
N ASP A 23 -22.52 0.98 -8.89
CA ASP A 23 -22.84 -0.17 -9.72
C ASP A 23 -22.21 -1.40 -9.08
N ARG A 24 -23.04 -2.43 -8.87
CA ARG A 24 -22.59 -3.63 -8.17
C ARG A 24 -21.41 -4.28 -8.87
N ASP A 25 -21.49 -4.38 -10.18
CA ASP A 25 -20.45 -5.10 -10.94
C ASP A 25 -19.13 -4.36 -10.84
N LYS A 26 -19.18 -3.03 -10.90
CA LYS A 26 -17.97 -2.24 -10.69
C LYS A 26 -17.42 -2.40 -9.28
N LEU A 27 -18.29 -2.40 -8.27
CA LEU A 27 -17.82 -2.66 -6.89
C LEU A 27 -17.10 -4.01 -6.72
N LEU A 28 -17.69 -5.08 -7.26
CA LEU A 28 -17.04 -6.40 -7.20
C LEU A 28 -15.70 -6.44 -7.98
N LYS A 29 -15.59 -5.67 -9.07
CA LYS A 29 -14.34 -5.57 -9.84
C LYS A 29 -13.28 -4.90 -8.97
N ILE A 30 -13.67 -3.85 -8.27
CA ILE A 30 -12.78 -3.15 -7.34
C ILE A 30 -12.28 -4.08 -6.21
N ILE A 31 -13.18 -4.88 -5.62
CA ILE A 31 -12.76 -5.82 -4.58
C ILE A 31 -11.83 -6.89 -5.17
N ASP A 32 -12.16 -7.41 -6.35
CA ASP A 32 -11.27 -8.30 -7.07
C ASP A 32 -9.84 -7.76 -7.21
N ALA A 34 -8.37 -5.72 -5.22
CA ALA A 34 -7.81 -5.95 -3.89
C ALA A 34 -7.42 -7.42 -3.62
N ARG A 36 -6.28 -9.48 -5.65
CA ARG A 36 -5.07 -9.77 -6.43
C ARG A 36 -3.82 -9.04 -5.86
N ALA A 37 -4.00 -8.34 -4.74
CA ALA A 37 -2.88 -7.63 -4.07
C ALA A 37 -1.84 -8.64 -3.54
N PRO A 38 -0.54 -8.26 -3.56
CA PRO A 38 0.44 -9.15 -2.93
C PRO A 38 0.35 -9.06 -1.43
N SER A 39 0.72 -10.12 -0.74
CA SER A 39 0.79 -10.07 0.73
C SER A 39 1.89 -11.00 1.21
N TRP A 40 2.29 -10.82 2.45
CA TRP A 40 3.34 -11.67 3.03
C TRP A 40 2.87 -13.12 3.11
N LYS A 41 3.64 -13.99 2.48
CA LYS A 41 3.38 -15.44 2.39
C LYS A 41 2.00 -15.76 1.78
N ASN A 42 1.51 -14.83 0.96
CA ASN A 42 0.20 -14.90 0.35
C ASN A 42 -0.92 -15.13 1.35
N LYS A 43 -0.74 -14.69 2.59
CA LYS A 43 -1.78 -14.82 3.59
C LYS A 43 -2.68 -13.61 3.41
N THR A 44 -3.91 -13.67 3.87
CA THR A 44 -4.76 -12.51 3.62
C THR A 44 -5.33 -12.09 4.95
N PRO A 45 -4.57 -11.29 5.72
CA PRO A 45 -4.96 -11.01 7.12
C PRO A 45 -6.08 -9.99 7.31
N TYR A 46 -6.76 -9.63 6.24
CA TYR A 46 -7.78 -8.59 6.27
C TYR A 46 -9.07 -9.05 5.54
N LYS A 47 -10.16 -8.38 5.87
CA LYS A 47 -11.42 -8.44 5.17
C LYS A 47 -12.01 -7.04 5.11
N PHE A 48 -12.98 -6.87 4.21
CA PHE A 48 -13.61 -5.56 3.94
C PHE A 48 -15.09 -5.62 4.29
N ILE A 49 -15.55 -4.60 5.03
CA ILE A 49 -17.00 -4.36 5.23
C ILE A 49 -17.47 -3.20 4.35
N VAL A 50 -18.42 -3.51 3.49
CA VAL A 50 -19.14 -2.52 2.72
C VAL A 50 -20.27 -2.02 3.64
N VAL A 51 -20.24 -0.74 3.97
CA VAL A 51 -21.28 -0.09 4.79
C VAL A 51 -22.20 0.76 3.92
N GLU A 52 -23.45 0.32 3.84
CA GLU A 52 -24.52 0.99 3.08
C GLU A 52 -25.60 1.60 3.95
N SER A 53 -25.78 1.08 5.16
CA SER A 53 -26.79 1.54 6.11
C SER A 53 -26.50 2.96 6.55
N ASP A 54 -27.46 3.85 6.40
CA ASP A 54 -27.25 5.26 6.79
C ASP A 54 -27.00 5.44 8.30
N LYS A 55 -27.65 4.60 9.12
CA LYS A 55 -27.42 4.60 10.56
C LYS A 55 -25.96 4.32 10.89
N LEU A 56 -25.40 3.34 10.18
CA LEU A 56 -23.98 2.98 10.37
C LEU A 56 -23.01 4.05 9.82
N LYS A 57 -23.37 4.69 8.72
CA LYS A 57 -22.58 5.81 8.22
C LYS A 57 -22.51 6.90 9.26
N LEU A 58 -23.65 7.16 9.93
CA LEU A 58 -23.69 8.18 10.95
C LEU A 58 -22.80 7.77 12.14
N ASP A 59 -22.82 6.49 12.53
CA ASP A 59 -21.93 6.02 13.62
C ASP A 59 -20.44 6.26 13.26
N ILE A 60 -20.09 5.96 12.00
CA ILE A 60 -18.72 6.11 11.52
C ILE A 60 -18.32 7.59 11.48
N ALA A 61 -19.21 8.43 10.93
CA ALA A 61 -19.00 9.88 10.86
C ALA A 61 -18.73 10.43 12.26
N ASN A 62 -19.52 9.98 13.23
CA ASN A 62 -19.31 10.42 14.61
C ASN A 62 -18.00 9.94 15.25
N ALA A 63 -17.45 8.83 14.75
CA ALA A 63 -16.19 8.24 15.27
C ALA A 63 -14.90 8.86 14.74
N ILE A 64 -14.97 9.52 13.60
CA ILE A 64 -13.82 10.09 12.96
C ILE A 64 -13.27 11.25 13.80
N GLU A 65 -11.95 11.34 13.88
CA GLU A 65 -11.24 12.28 14.76
C GLU A 65 -10.31 13.20 13.95
N ASN A 66 -10.89 14.04 13.11
CA ASN A 66 -10.13 14.97 12.28
C ASN A 66 -10.39 16.35 12.80
N LYS A 67 -9.50 17.31 12.49
CA LYS A 67 -9.70 18.71 12.91
C LYS A 67 -10.95 19.28 12.28
N THR A 68 -11.18 18.93 11.01
CA THR A 68 -12.34 19.46 10.30
C THR A 68 -13.36 18.34 10.04
N SER A 69 -14.59 18.73 9.72
CA SER A 69 -15.69 17.76 9.51
C SER A 69 -15.77 17.18 8.11
N ALA A 70 -14.78 17.47 7.26
CA ALA A 70 -14.84 17.10 5.85
C ALA A 70 -14.94 15.57 5.64
N ALA A 71 -14.07 14.82 6.31
CA ALA A 71 -14.09 13.36 6.22
C ALA A 71 -15.43 12.77 6.74
N SER A 72 -15.90 13.28 7.88
CA SER A 72 -17.17 12.85 8.48
C SER A 72 -18.29 13.06 7.47
N GLU A 73 -18.29 14.22 6.84
CA GLU A 73 -19.31 14.53 5.85
C GLU A 73 -19.20 13.65 4.60
N ALA A 74 -17.97 13.29 4.21
CA ALA A 74 -17.75 12.41 3.05
C ALA A 74 -18.43 11.05 3.30
N VAL A 75 -18.33 10.55 4.53
CA VAL A 75 -18.99 9.28 4.92
C VAL A 75 -20.53 9.45 4.94
N LEU A 76 -21.01 10.59 5.42
CA LEU A 76 -22.48 10.83 5.48
C LEU A 76 -23.07 10.94 4.08
N ASN A 77 -22.36 11.65 3.21
CA ASN A 77 -22.93 12.03 1.92
C ASN A 77 -22.53 11.19 0.70
N SER A 78 -21.85 10.07 0.91
CA SER A 78 -21.59 9.11 -0.17
C SER A 78 -22.52 7.89 -0.07
N PRO A 79 -22.72 7.16 -1.18
CA PRO A 79 -23.61 5.99 -1.03
C PRO A 79 -23.12 4.83 -0.14
N THR A 81 -19.40 3.31 2.33
CA THR A 81 -18.05 3.44 2.84
C THR A 81 -17.44 2.02 2.89
N ILE A 82 -16.16 1.89 2.58
CA ILE A 82 -15.46 0.60 2.67
C ILE A 82 -14.52 0.65 3.85
N VAL A 83 -14.67 -0.30 4.76
CA VAL A 83 -13.82 -0.40 5.96
C VAL A 83 -12.89 -1.64 5.88
N ALA A 84 -11.58 -1.43 6.10
CA ALA A 84 -10.59 -2.50 6.06
C ALA A 84 -10.31 -2.94 7.49
N VAL A 85 -10.53 -4.22 7.77
CA VAL A 85 -10.34 -4.78 9.13
C VAL A 85 -9.30 -5.89 9.05
N ALA A 86 -8.36 -5.93 10.00
CA ALA A 86 -7.25 -6.87 9.93
C ALA A 86 -7.07 -7.63 11.22
N ASN A 87 -6.45 -8.79 11.07
CA ASN A 87 -6.11 -9.67 12.19
C ASN A 87 -4.60 -9.61 12.42
N PRO A 88 -4.14 -8.88 13.44
CA PRO A 88 -2.68 -8.83 13.68
C PRO A 88 -2.00 -10.16 13.92
N GLU A 89 -2.72 -11.12 14.48
CA GLU A 89 -2.12 -12.36 14.86
C GLU A 89 -1.96 -13.35 13.71
N GLU A 90 -2.58 -13.12 12.56
CA GLU A 90 -2.46 -14.07 11.46
C GLU A 90 -1.01 -14.25 10.97
N SER A 91 -0.33 -13.13 10.71
CA SER A 91 1.05 -13.17 10.20
C SER A 91 2.03 -12.60 11.25
N GLY A 92 1.51 -11.83 12.20
CA GLY A 92 2.31 -11.20 13.25
C GLY A 92 3.33 -10.21 12.68
N ASP A 93 4.51 -10.17 13.29
CA ASP A 93 5.51 -9.19 12.92
C ASP A 93 6.67 -9.81 12.19
N VAL A 94 7.25 -9.04 11.28
CA VAL A 94 8.40 -9.46 10.49
C VAL A 94 9.41 -8.31 10.57
N SER A 95 10.63 -8.63 11.02
CA SER A 95 11.72 -7.64 11.14
C SER A 95 11.29 -6.31 11.82
N GLY A 96 10.56 -6.46 12.93
CA GLY A 96 10.17 -5.32 13.75
C GLY A 96 9.00 -4.51 13.20
N LYS A 97 8.25 -5.12 12.29
CA LYS A 97 7.18 -4.43 11.55
C LYS A 97 5.89 -5.26 11.59
N GLU A 98 4.77 -4.58 11.82
CA GLU A 98 3.46 -5.25 11.81
C GLU A 98 3.03 -5.51 10.39
N ILE A 99 3.16 -6.77 9.99
CA ILE A 99 2.80 -7.19 8.64
C ILE A 99 1.40 -6.82 8.24
N TYR A 100 0.47 -6.90 9.17
CA TYR A 100 -0.91 -6.60 8.90
C TYR A 100 -1.11 -5.15 8.37
N LEU A 101 -0.37 -4.18 8.91
CA LEU A 101 -0.49 -2.80 8.44
C LEU A 101 0.01 -2.65 7.00
N ILE A 102 1.16 -3.26 6.70
CA ILE A 102 1.71 -3.23 5.36
C ILE A 102 0.73 -3.85 4.38
N ASP A 103 0.30 -5.07 4.69
CA ASP A 103 -0.55 -5.88 3.78
C ASP A 103 -1.93 -5.28 3.58
N THR A 104 -2.54 -4.81 4.66
CA THR A 104 -3.86 -4.19 4.56
C THR A 104 -3.77 -2.88 3.75
N ALA A 105 -2.71 -2.10 3.96
CA ALA A 105 -2.53 -0.83 3.23
C ALA A 105 -2.38 -1.05 1.71
N ILE A 106 -1.59 -2.05 1.35
CA ILE A 106 -1.43 -2.51 -0.05
C ILE A 106 -2.79 -2.78 -0.66
N ALA A 107 -3.61 -3.62 -0.02
CA ALA A 107 -4.90 -3.99 -0.57
C ALA A 107 -5.86 -2.79 -0.60
N GLU A 109 -5.06 0.29 -1.07
CA GLU A 109 -4.66 1.12 -2.19
C GLU A 109 -5.13 0.54 -3.54
N HIS A 110 -5.19 -0.78 -3.65
CA HIS A 110 -5.83 -1.44 -4.81
C HIS A 110 -7.35 -1.03 -4.91
N ILE A 111 -8.06 -0.94 -3.79
N ILE A 111 -8.02 -0.98 -3.75
CA ILE A 111 -9.47 -0.50 -3.83
CA ILE A 111 -9.42 -0.49 -3.63
C ILE A 111 -9.54 1.00 -4.18
C ILE A 111 -9.47 0.93 -4.18
N VAL A 112 -8.64 1.80 -3.60
CA VAL A 112 -8.57 3.26 -3.97
C VAL A 112 -8.27 3.53 -5.47
N LEU A 113 -7.23 2.90 -5.98
CA LEU A 113 -6.94 2.96 -7.38
C LEU A 113 -8.02 2.37 -8.28
N GLY A 114 -8.53 1.19 -7.93
CA GLY A 114 -9.63 0.58 -8.66
C GLY A 114 -10.84 1.51 -8.70
N ALA A 115 -11.19 2.09 -7.56
CA ALA A 115 -12.29 3.07 -7.53
C ALA A 115 -12.08 4.17 -8.59
N THR A 116 -10.87 4.73 -8.64
CA THR A 116 -10.54 5.80 -9.58
C THR A 116 -10.70 5.31 -11.03
N ASP A 117 -10.17 4.11 -11.32
CA ASP A 117 -10.33 3.44 -12.61
C ASP A 117 -11.80 3.32 -13.01
N GLU A 118 -12.65 3.04 -12.04
CA GLU A 118 -14.09 2.82 -12.31
C GLU A 118 -14.96 4.09 -12.28
N GLY A 119 -14.35 5.24 -12.03
CA GLY A 119 -15.07 6.50 -12.04
C GLY A 119 -15.58 7.02 -10.71
N TYR A 120 -15.11 6.42 -9.63
CA TYR A 120 -15.51 6.76 -8.27
C TYR A 120 -14.39 7.39 -7.49
N GLY A 121 -14.73 8.33 -6.63
CA GLY A 121 -13.79 8.93 -5.70
C GLY A 121 -13.69 8.18 -4.39
N THR A 122 -12.61 8.46 -3.67
CA THR A 122 -12.31 7.84 -2.38
C THR A 122 -11.53 8.88 -1.58
N CYS A 123 -11.37 8.60 -0.29
CA CYS A 123 -10.62 9.43 0.60
C CYS A 123 -10.11 8.55 1.72
N TRP A 124 -8.78 8.45 1.87
CA TRP A 124 -8.26 7.64 2.96
C TRP A 124 -8.56 8.29 4.29
N ILE A 125 -9.11 7.50 5.20
CA ILE A 125 -9.41 7.92 6.57
C ILE A 125 -8.84 6.90 7.54
N ALA A 126 -7.91 7.37 8.38
CA ALA A 126 -7.18 6.53 9.28
C ALA A 126 -7.37 6.87 10.79
N ALA A 127 -7.85 8.09 11.07
CA ALA A 127 -7.98 8.63 12.43
C ALA A 127 -9.43 8.59 12.93
N PHE A 128 -9.68 7.73 13.91
CA PHE A 128 -11.03 7.51 14.40
C PHE A 128 -10.98 6.83 15.73
N ASN A 129 -12.08 6.94 16.46
CA ASN A 129 -12.29 6.15 17.66
C ASN A 129 -12.59 4.73 17.16
N GLU A 130 -11.54 3.92 17.19
CA GLU A 130 -11.63 2.55 16.72
C GLU A 130 -12.68 1.76 17.50
N ASN A 131 -12.76 1.97 18.81
CA ASN A 131 -13.77 1.22 19.56
C ASN A 131 -15.18 1.51 19.08
N LYS A 132 -15.46 2.77 18.70
CA LYS A 132 -16.82 3.13 18.28
C LYS A 132 -17.14 2.47 16.94
N ILE A 133 -16.16 2.34 16.08
CA ILE A 133 -16.38 1.69 14.81
C ILE A 133 -16.57 0.17 14.99
N LYS A 134 -15.81 -0.44 15.90
CA LYS A 134 -16.04 -1.87 16.21
C LYS A 134 -17.42 -2.12 16.79
N GLU A 135 -17.87 -1.21 17.66
N GLU A 135 -17.88 -1.22 17.65
CA GLU A 135 -19.23 -1.27 18.19
CA GLU A 135 -19.23 -1.34 18.20
C GLU A 135 -20.26 -1.24 17.06
C GLU A 135 -20.31 -1.21 17.10
N ALA A 136 -20.17 -0.23 16.21
CA ALA A 136 -21.12 -0.03 15.13
C ALA A 136 -21.22 -1.24 14.19
N LEU A 137 -20.06 -1.78 13.78
CA LEU A 137 -19.98 -2.85 12.79
C LEU A 137 -19.86 -4.29 13.35
N LYS A 138 -19.91 -4.40 14.68
N LYS A 138 -19.92 -4.42 14.68
CA LYS A 138 -19.90 -5.68 15.40
CA LYS A 138 -19.90 -5.71 15.38
C LYS A 138 -18.63 -6.48 15.08
C LYS A 138 -18.62 -6.48 15.08
N ILE A 139 -17.50 -5.77 15.16
CA ILE A 139 -16.21 -6.33 14.87
C ILE A 139 -15.64 -6.81 16.19
N PRO A 140 -15.17 -8.09 16.26
CA PRO A 140 -14.49 -8.55 17.47
C PRO A 140 -13.30 -7.65 17.90
N ASP A 141 -13.16 -7.46 19.22
CA ASP A 141 -12.22 -6.48 19.75
C ASP A 141 -10.76 -6.86 19.58
N ASN A 142 -10.51 -8.12 19.28
CA ASN A 142 -9.12 -8.57 18.98
C ASN A 142 -8.65 -8.23 17.53
N LEU A 143 -9.54 -7.69 16.71
CA LEU A 143 -9.18 -7.28 15.36
C LEU A 143 -8.87 -5.77 15.33
N ARG A 144 -8.31 -5.28 14.22
CA ARG A 144 -7.97 -3.84 14.09
C ARG A 144 -8.70 -3.22 12.90
N VAL A 145 -9.23 -2.02 13.09
CA VAL A 145 -9.79 -1.25 11.98
C VAL A 145 -8.59 -0.44 11.46
N VAL A 146 -8.14 -0.75 10.27
CA VAL A 146 -6.95 -0.13 9.71
C VAL A 146 -7.24 1.20 9.07
N ALA A 147 -8.24 1.22 8.20
CA ALA A 147 -8.62 2.41 7.47
C ALA A 147 -9.98 2.26 6.85
N LEU A 148 -10.53 3.36 6.39
CA LEU A 148 -11.80 3.33 5.69
C LEU A 148 -11.86 4.41 4.66
N THR A 149 -12.79 4.26 3.71
CA THR A 149 -13.00 5.29 2.70
C THR A 149 -14.45 5.37 2.23
N PRO A 150 -14.95 6.61 1.99
CA PRO A 150 -16.19 6.73 1.25
C PRO A 150 -15.96 6.22 -0.17
N LEU A 151 -17.06 5.94 -0.83
CA LEU A 151 -17.04 5.53 -2.23
C LEU A 151 -18.25 6.18 -2.91
N GLY A 152 -18.00 6.92 -3.99
CA GLY A 152 -19.12 7.53 -4.72
C GLY A 152 -18.62 8.26 -5.96
N VAL A 153 -19.56 8.74 -6.76
CA VAL A 153 -19.21 9.60 -7.87
C VAL A 153 -18.91 11.00 -7.33
N PRO A 154 -17.73 11.53 -7.66
CA PRO A 154 -17.35 12.87 -7.18
C PRO A 154 -18.33 13.92 -7.72
N LYS A 155 -18.59 14.97 -6.93
CA LYS A 155 -19.32 16.14 -7.45
C LYS A 155 -18.44 16.95 -8.38
N ASP A 156 -19.04 17.48 -9.45
CA ASP A 156 -18.43 18.45 -10.41
C ASP A 156 -18.37 17.88 -11.82
N LYS A 166 -5.85 -18.71 -5.30
CA LYS A 166 -7.04 -18.06 -5.87
C LYS A 166 -8.15 -17.91 -4.83
N LYS A 167 -8.37 -16.68 -4.40
CA LYS A 167 -9.27 -16.38 -3.30
C LYS A 167 -10.65 -16.13 -3.87
N ASP A 168 -11.67 -16.55 -3.13
CA ASP A 168 -13.06 -16.22 -3.49
C ASP A 168 -13.39 -15.02 -2.63
N ASP A 170 -15.96 -13.78 -1.73
CA ASP A 170 -17.09 -14.00 -0.81
C ASP A 170 -16.64 -14.14 0.65
N GLU A 171 -15.52 -14.83 0.89
CA GLU A 171 -15.01 -15.02 2.27
C GLU A 171 -14.35 -13.74 2.86
N TYR A 172 -14.16 -12.70 2.04
CA TYR A 172 -13.42 -11.50 2.46
C TYR A 172 -14.25 -10.22 2.37
N LEU A 173 -15.53 -10.34 2.07
CA LEU A 173 -16.41 -9.19 1.82
C LEU A 173 -17.74 -9.30 2.54
N TYR A 174 -17.96 -8.36 3.43
CA TYR A 174 -19.17 -8.30 4.23
C TYR A 174 -20.02 -7.08 3.90
N ILE A 175 -21.29 -7.15 4.31
CA ILE A 175 -22.23 -6.03 4.23
C ILE A 175 -22.71 -5.60 5.62
N ASP A 176 -22.42 -4.34 5.97
CA ASP A 176 -22.85 -3.64 7.20
C ASP A 176 -22.35 -4.19 8.54
N LYS A 177 -22.14 -5.49 8.63
CA LYS A 177 -21.86 -6.16 9.88
C LYS A 177 -20.81 -7.22 9.64
N TRP A 178 -19.82 -7.27 10.52
CA TRP A 178 -18.77 -8.28 10.43
C TRP A 178 -19.38 -9.68 10.43
N GLY A 179 -19.01 -10.47 9.44
CA GLY A 179 -19.48 -11.86 9.32
C GLY A 179 -20.69 -12.06 8.42
N THR A 180 -21.36 -10.99 8.00
CA THR A 180 -22.49 -11.08 7.11
C THR A 180 -22.03 -10.94 5.65
N SER A 181 -22.12 -12.05 4.93
CA SER A 181 -21.68 -12.11 3.53
C SER A 181 -22.35 -11.07 2.63
N PHE A 182 -21.53 -10.25 1.96
CA PHE A 182 -22.05 -9.31 0.95
C PHE A 182 -22.68 -10.06 -0.21
N GLU A 184 -23.68 -13.28 -0.65
CA GLU A 184 -24.78 -14.21 -0.37
C GLU A 184 -26.00 -13.50 0.19
N SER A 185 -25.94 -12.18 0.38
CA SER A 185 -27.08 -11.45 0.89
C SER A 185 -27.88 -10.75 -0.20
N ASN A 186 -29.20 -10.69 -0.02
CA ASN A 186 -30.07 -9.92 -0.90
C ASN A 186 -29.88 -8.42 -0.65
N GLU B 3 -3.28 -0.91 -19.83
CA GLU B 3 -4.56 -0.64 -19.18
C GLU B 3 -4.55 -0.99 -17.68
N PHE B 4 -5.30 -0.24 -16.87
CA PHE B 4 -5.16 -0.31 -15.42
C PHE B 4 -5.42 -1.72 -14.87
N TYR B 5 -6.58 -2.32 -15.19
CA TYR B 5 -6.91 -3.63 -14.66
C TYR B 5 -5.92 -4.71 -15.14
N GLU B 6 -5.45 -4.57 -16.38
CA GLU B 6 -4.41 -5.47 -16.91
C GLU B 6 -3.13 -5.38 -16.09
N VAL B 7 -2.80 -4.20 -15.59
CA VAL B 7 -1.60 -4.09 -14.73
C VAL B 7 -1.82 -4.88 -13.43
N ILE B 8 -3.01 -4.74 -12.86
CA ILE B 8 -3.28 -5.42 -11.59
C ILE B 8 -3.20 -6.94 -11.79
N LYS B 9 -3.77 -7.42 -12.90
CA LYS B 9 -3.80 -8.83 -13.23
C LYS B 9 -2.43 -9.37 -13.55
N LYS B 10 -1.58 -8.58 -14.19
CA LYS B 10 -0.27 -9.08 -14.65
C LYS B 10 0.76 -9.13 -13.53
N ARG B 11 0.59 -8.31 -12.50
CA ARG B 11 1.56 -8.23 -11.42
C ARG B 11 1.75 -9.59 -10.78
N LYS B 12 2.99 -10.05 -10.68
CA LYS B 12 3.31 -11.26 -9.90
C LYS B 12 4.67 -11.15 -9.26
N SER B 13 4.94 -11.99 -8.29
CA SER B 13 6.25 -12.03 -7.67
C SER B 13 7.24 -12.72 -8.61
N ILE B 14 8.28 -12.01 -9.00
CA ILE B 14 9.22 -12.52 -9.97
C ILE B 14 10.55 -12.69 -9.27
N LYS B 15 11.18 -13.82 -9.53
CA LYS B 15 12.43 -14.18 -8.88
C LYS B 15 13.56 -14.36 -9.86
N LYS B 16 13.23 -14.37 -11.16
CA LYS B 16 14.19 -14.65 -12.20
C LYS B 16 14.11 -13.56 -13.24
N PHE B 17 15.28 -12.98 -13.50
CA PHE B 17 15.43 -11.74 -14.25
C PHE B 17 16.51 -11.83 -15.30
N GLU B 18 16.31 -11.09 -16.38
CA GLU B 18 17.34 -10.91 -17.40
C GLU B 18 18.30 -9.88 -16.81
N GLN B 19 19.51 -9.79 -17.34
CA GLN B 19 20.47 -8.76 -16.90
C GLN B 19 20.24 -7.40 -17.61
N THR B 20 19.35 -7.38 -18.61
CA THR B 20 18.95 -6.15 -19.31
C THR B 20 18.87 -4.94 -18.39
N ALA B 21 19.56 -3.88 -18.77
CA ALA B 21 19.53 -2.63 -18.00
C ALA B 21 18.14 -1.96 -17.98
N ILE B 22 17.85 -1.33 -16.87
CA ILE B 22 16.60 -0.58 -16.66
C ILE B 22 16.70 0.71 -17.45
N ASP B 23 15.62 1.10 -18.12
CA ASP B 23 15.60 2.38 -18.84
C ASP B 23 15.40 3.51 -17.83
N ARG B 24 16.30 4.50 -17.85
CA ARG B 24 16.28 5.57 -16.83
C ARG B 24 14.93 6.31 -16.78
N ASP B 25 14.38 6.60 -17.95
CA ASP B 25 13.10 7.30 -18.05
C ASP B 25 11.96 6.47 -17.43
N LYS B 26 11.98 5.16 -17.67
CA LYS B 26 10.97 4.26 -17.11
C LYS B 26 11.10 4.21 -15.59
N LEU B 27 12.32 4.07 -15.07
CA LEU B 27 12.56 4.17 -13.62
C LEU B 27 12.02 5.48 -13.01
N LEU B 28 12.28 6.60 -13.67
CA LEU B 28 11.84 7.84 -13.06
C LEU B 28 10.30 7.96 -13.10
N LYS B 29 9.65 7.36 -14.10
CA LYS B 29 8.17 7.29 -14.15
C LYS B 29 7.60 6.43 -13.01
N ILE B 30 8.24 5.30 -12.72
CA ILE B 30 7.88 4.45 -11.55
C ILE B 30 7.99 5.27 -10.24
N ILE B 31 9.10 5.99 -10.06
CA ILE B 31 9.26 6.79 -8.86
C ILE B 31 8.19 7.90 -8.78
N ASP B 32 7.92 8.55 -9.91
CA ASP B 32 6.84 9.53 -10.00
C ASP B 32 5.48 8.95 -9.55
N ALA B 34 5.06 6.65 -7.34
CA ALA B 34 5.18 6.66 -5.88
C ALA B 34 5.00 8.05 -5.28
N ARG B 36 3.17 10.27 -6.31
CA ARG B 36 1.74 10.65 -6.42
C ARG B 36 0.85 9.84 -5.48
N ALA B 37 1.44 9.05 -4.61
CA ALA B 37 0.67 8.20 -3.70
C ALA B 37 0.04 9.10 -2.63
N PRO B 38 -1.14 8.70 -2.09
CA PRO B 38 -1.71 9.39 -0.93
C PRO B 38 -0.91 9.08 0.33
N SER B 39 -0.89 10.02 1.25
CA SER B 39 -0.23 9.82 2.55
C SER B 39 -0.96 10.63 3.60
N TRP B 40 -0.78 10.21 4.85
CA TRP B 40 -1.45 10.87 5.95
C TRP B 40 -0.95 12.31 6.05
N LYS B 41 -1.90 13.26 6.04
CA LYS B 41 -1.62 14.69 6.06
C LYS B 41 -0.68 15.16 4.91
N ASN B 42 -0.67 14.40 3.82
CA ASN B 42 0.24 14.62 2.68
C ASN B 42 1.72 14.80 3.08
N LYS B 43 2.12 14.19 4.18
CA LYS B 43 3.51 14.10 4.58
C LYS B 43 4.15 12.95 3.83
N THR B 44 5.44 12.96 3.70
CA THR B 44 6.03 11.88 2.87
C THR B 44 7.14 11.33 3.69
N PRO B 45 6.78 10.47 4.67
CA PRO B 45 7.78 10.03 5.65
C PRO B 45 8.82 8.97 5.15
N TYR B 46 8.93 8.80 3.85
CA TYR B 46 9.83 7.78 3.26
C TYR B 46 10.63 8.40 2.12
N LYS B 47 11.74 7.72 1.81
CA LYS B 47 12.53 7.92 0.62
C LYS B 47 12.97 6.55 0.09
N PHE B 48 13.45 6.55 -1.16
CA PHE B 48 13.84 5.33 -1.88
C PHE B 48 15.32 5.40 -2.20
N ILE B 49 16.02 4.30 -1.95
CA ILE B 49 17.40 4.14 -2.44
C ILE B 49 17.37 3.16 -3.59
N VAL B 50 17.85 3.61 -4.75
CA VAL B 50 18.09 2.73 -5.89
C VAL B 50 19.46 2.09 -5.70
N VAL B 51 19.51 0.78 -5.58
CA VAL B 51 20.80 0.10 -5.37
C VAL B 51 21.25 -0.58 -6.67
N GLU B 52 22.35 -0.08 -7.24
CA GLU B 52 22.93 -0.61 -8.50
C GLU B 52 24.25 -1.32 -8.30
N SER B 53 24.99 -0.95 -7.26
CA SER B 53 26.33 -1.54 -7.01
C SER B 53 26.21 -3.01 -6.69
N ASP B 54 26.97 -3.84 -7.38
CA ASP B 54 26.88 -5.28 -7.18
C ASP B 54 27.32 -5.66 -5.77
N LYS B 55 28.31 -4.95 -5.23
CA LYS B 55 28.80 -5.20 -3.88
C LYS B 55 27.65 -4.99 -2.86
N LEU B 56 26.85 -3.95 -3.09
CA LEU B 56 25.70 -3.66 -2.22
C LEU B 56 24.56 -4.68 -2.40
N LYS B 57 24.35 -5.16 -3.62
CA LYS B 57 23.37 -6.24 -3.85
C LYS B 57 23.73 -7.47 -3.06
N LEU B 58 25.03 -7.78 -3.07
CA LEU B 58 25.55 -8.91 -2.30
C LEU B 58 25.28 -8.71 -0.81
N ASP B 59 25.54 -7.51 -0.30
CA ASP B 59 25.23 -7.19 1.12
C ASP B 59 23.75 -7.40 1.42
N ILE B 60 22.90 -6.91 0.51
CA ILE B 60 21.44 -7.06 0.72
C ILE B 60 21.04 -8.54 0.67
N ALA B 61 21.56 -9.26 -0.33
CA ALA B 61 21.31 -10.71 -0.48
C ALA B 61 21.66 -11.47 0.80
N ASN B 62 22.81 -11.16 1.38
CA ASN B 62 23.22 -11.80 2.62
C ASN B 62 22.34 -11.47 3.83
N ALA B 63 21.69 -10.31 3.82
CA ALA B 63 20.84 -9.83 4.94
C ALA B 63 19.42 -10.42 4.94
N ILE B 64 18.95 -10.87 3.79
CA ILE B 64 17.62 -11.42 3.65
C ILE B 64 17.45 -12.72 4.47
N GLU B 65 16.33 -12.80 5.20
CA GLU B 65 16.07 -13.88 6.15
C GLU B 65 14.85 -14.72 5.76
N ASN B 66 14.92 -15.38 4.62
CA ASN B 66 13.83 -16.20 4.11
C ASN B 66 14.21 -17.65 4.27
N LYS B 67 13.23 -18.53 4.19
CA LYS B 67 13.48 -19.96 4.29
C LYS B 67 14.29 -20.44 3.10
N THR B 68 14.00 -19.91 1.91
CA THR B 68 14.70 -20.31 0.67
C THR B 68 15.57 -19.18 0.16
N SER B 69 16.53 -19.48 -0.73
CA SER B 69 17.42 -18.45 -1.29
C SER B 69 16.85 -17.65 -2.48
N ALA B 70 15.58 -17.85 -2.84
CA ALA B 70 15.01 -17.28 -4.06
C ALA B 70 15.05 -15.73 -4.04
N ALA B 71 14.67 -15.13 -2.91
CA ALA B 71 14.69 -13.66 -2.78
C ALA B 71 16.13 -13.10 -2.87
N SER B 72 17.07 -13.72 -2.16
CA SER B 72 18.47 -13.32 -2.16
C SER B 72 18.97 -13.36 -3.59
N GLU B 73 18.64 -14.44 -4.31
CA GLU B 73 19.10 -14.59 -5.70
C GLU B 73 18.47 -13.57 -6.64
N ALA B 74 17.21 -13.19 -6.38
CA ALA B 74 16.51 -12.16 -7.19
C ALA B 74 17.28 -10.81 -7.08
N VAL B 75 17.73 -10.49 -5.88
CA VAL B 75 18.51 -9.29 -5.65
C VAL B 75 19.90 -9.38 -6.32
N LEU B 76 20.53 -10.56 -6.25
CA LEU B 76 21.83 -10.73 -6.89
C LEU B 76 21.74 -10.59 -8.41
N ASN B 77 20.68 -11.14 -8.95
CA ASN B 77 20.61 -11.43 -10.39
C ASN B 77 19.76 -10.46 -11.18
N SER B 78 19.31 -9.37 -10.57
CA SER B 78 18.58 -8.29 -11.26
C SER B 78 19.48 -7.04 -11.42
N PRO B 79 19.16 -6.15 -12.38
CA PRO B 79 20.04 -4.95 -12.52
C PRO B 79 20.06 -3.98 -11.32
N THR B 81 17.93 -2.95 -7.23
CA THR B 81 16.98 -3.14 -6.15
C THR B 81 16.55 -1.78 -5.63
N ILE B 82 15.25 -1.64 -5.34
CA ILE B 82 14.71 -0.42 -4.74
C ILE B 82 14.44 -0.69 -3.27
N VAL B 83 14.97 0.16 -2.38
CA VAL B 83 14.79 -0.01 -0.93
C VAL B 83 13.96 1.18 -0.37
N ALA B 84 12.89 0.87 0.37
CA ALA B 84 12.01 1.88 0.92
C ALA B 84 12.36 2.11 2.39
N VAL B 85 12.76 3.35 2.74
CA VAL B 85 13.24 3.71 4.06
C VAL B 85 12.33 4.80 4.64
N ALA B 86 11.88 4.62 5.87
CA ALA B 86 10.95 5.57 6.49
C ALA B 86 11.41 6.12 7.83
N ASN B 87 10.83 7.28 8.14
CA ASN B 87 11.04 7.95 9.40
C ASN B 87 9.77 7.83 10.26
N PRO B 88 9.80 6.95 11.27
CA PRO B 88 8.62 6.73 12.14
C PRO B 88 8.20 7.96 12.90
N GLU B 89 9.10 8.93 13.09
CA GLU B 89 8.80 10.13 13.87
C GLU B 89 8.17 11.28 13.08
N GLU B 90 8.17 11.20 11.77
CA GLU B 90 7.62 12.28 10.99
C GLU B 90 6.15 12.49 11.28
N SER B 91 5.36 11.42 11.12
CA SER B 91 3.90 11.50 11.35
C SER B 91 3.48 10.75 12.65
N GLY B 92 4.35 9.86 13.15
CA GLY B 92 4.09 9.08 14.34
C GLY B 92 2.90 8.11 14.25
N ASP B 93 2.10 8.03 15.31
CA ASP B 93 1.02 7.02 15.36
C ASP B 93 -0.32 7.65 15.34
N VAL B 94 -1.23 6.99 14.63
CA VAL B 94 -2.59 7.47 14.48
C VAL B 94 -3.53 6.34 14.90
N SER B 95 -4.31 6.54 15.95
CA SER B 95 -5.31 5.55 16.39
C SER B 95 -4.69 4.16 16.58
N GLY B 96 -3.53 4.14 17.24
CA GLY B 96 -2.82 2.91 17.56
C GLY B 96 -2.07 2.22 16.43
N LYS B 97 -1.89 2.92 15.31
CA LYS B 97 -1.23 2.35 14.13
C LYS B 97 -0.03 3.24 13.74
N GLU B 98 1.07 2.59 13.40
CA GLU B 98 2.24 3.28 12.84
C GLU B 98 1.98 3.74 11.42
N ILE B 99 1.72 5.03 11.30
CA ILE B 99 1.34 5.63 10.02
C ILE B 99 2.38 5.41 8.93
N TYR B 100 3.65 5.44 9.34
CA TYR B 100 4.76 5.24 8.41
C TYR B 100 4.70 3.89 7.67
N LEU B 101 4.25 2.84 8.34
CA LEU B 101 4.09 1.54 7.72
C LEU B 101 2.98 1.59 6.66
N ILE B 102 1.84 2.19 7.01
CA ILE B 102 0.75 2.32 6.06
C ILE B 102 1.19 3.11 4.81
N ASP B 103 1.77 4.28 5.05
CA ASP B 103 2.08 5.22 3.99
C ASP B 103 3.21 4.72 3.09
N THR B 104 4.22 4.12 3.71
CA THR B 104 5.33 3.57 2.93
C THR B 104 4.82 2.35 2.13
N ALA B 105 3.93 1.52 2.69
CA ALA B 105 3.38 0.36 1.94
C ALA B 105 2.61 0.81 0.67
N ILE B 106 1.82 1.85 0.85
CA ILE B 106 1.03 2.46 -0.24
C ILE B 106 1.98 2.83 -1.36
N ALA B 107 3.03 3.61 -1.02
CA ALA B 107 3.97 4.11 -2.04
C ALA B 107 4.76 2.99 -2.70
N GLU B 109 3.67 -0.03 -3.14
CA GLU B 109 2.78 -0.73 -4.09
C GLU B 109 2.65 0.07 -5.41
N HIS B 110 2.75 1.40 -5.34
CA HIS B 110 2.82 2.22 -6.55
C HIS B 110 4.10 1.88 -7.36
N ILE B 111 5.22 1.67 -6.65
N ILE B 111 5.22 1.66 -6.67
CA ILE B 111 6.50 1.24 -7.29
CA ILE B 111 6.49 1.27 -7.35
C ILE B 111 6.28 -0.08 -8.01
C ILE B 111 6.34 -0.11 -8.00
N VAL B 112 5.75 -1.03 -7.25
CA VAL B 112 5.51 -2.40 -7.75
C VAL B 112 4.55 -2.41 -8.94
N LEU B 113 3.40 -1.76 -8.79
CA LEU B 113 2.47 -1.72 -9.92
C LEU B 113 3.01 -0.92 -11.11
N GLY B 114 3.70 0.18 -10.83
CA GLY B 114 4.32 0.95 -11.89
C GLY B 114 5.38 0.17 -12.65
N ALA B 115 6.21 -0.60 -11.92
CA ALA B 115 7.18 -1.52 -12.57
C ALA B 115 6.50 -2.46 -13.54
N THR B 116 5.42 -3.10 -13.09
CA THR B 116 4.63 -3.98 -13.94
C THR B 116 4.16 -3.28 -15.22
N ASP B 117 3.58 -2.10 -15.06
CA ASP B 117 3.19 -1.23 -16.18
C ASP B 117 4.31 -0.93 -17.18
N GLU B 118 5.54 -0.78 -16.68
CA GLU B 118 6.72 -0.48 -17.52
C GLU B 118 7.43 -1.73 -18.03
N GLY B 119 6.89 -2.91 -17.72
CA GLY B 119 7.40 -4.16 -18.28
C GLY B 119 8.49 -4.78 -17.44
N TYR B 120 8.52 -4.41 -16.16
CA TYR B 120 9.49 -4.89 -15.20
C TYR B 120 8.85 -5.75 -14.11
N GLY B 121 9.57 -6.78 -13.71
CA GLY B 121 9.22 -7.61 -12.57
C GLY B 121 9.71 -7.02 -11.24
N THR B 122 8.99 -7.37 -10.17
CA THR B 122 9.36 -7.01 -8.81
C THR B 122 9.03 -8.18 -7.87
N CYS B 123 9.47 -8.07 -6.64
CA CYS B 123 9.12 -9.06 -5.64
C CYS B 123 9.21 -8.41 -4.28
N TRP B 124 8.08 -8.32 -3.57
CA TRP B 124 8.11 -7.75 -2.20
C TRP B 124 9.00 -8.53 -1.28
N ILE B 125 9.96 -7.87 -0.66
CA ILE B 125 10.80 -8.52 0.39
C ILE B 125 10.81 -7.68 1.65
N ALA B 126 10.33 -8.27 2.77
CA ALA B 126 10.14 -7.55 4.01
C ALA B 126 10.96 -8.15 5.17
N ALA B 127 11.50 -9.36 4.98
CA ALA B 127 12.22 -10.11 6.05
C ALA B 127 13.74 -10.07 5.83
N PHE B 128 14.43 -9.34 6.70
CA PHE B 128 15.87 -9.14 6.57
C PHE B 128 16.42 -8.68 7.90
N ASN B 129 17.71 -8.88 8.06
CA ASN B 129 18.51 -8.23 9.11
C ASN B 129 18.63 -6.75 8.76
N GLU B 130 17.74 -5.98 9.37
CA GLU B 130 17.65 -4.57 9.06
C GLU B 130 18.96 -3.82 9.36
N ASN B 131 19.64 -4.18 10.44
CA ASN B 131 20.88 -3.49 10.80
C ASN B 131 21.93 -3.65 9.71
N LYS B 132 21.97 -4.83 9.12
CA LYS B 132 22.93 -5.11 8.07
C LYS B 132 22.61 -4.29 6.84
N ILE B 133 21.33 -4.10 6.53
CA ILE B 133 20.99 -3.26 5.37
C ILE B 133 21.32 -1.79 5.66
N LYS B 134 21.07 -1.34 6.89
CA LYS B 134 21.43 0.04 7.24
C LYS B 134 22.93 0.27 7.16
N GLU B 135 23.72 -0.70 7.61
N GLU B 135 23.73 -0.69 7.64
CA GLU B 135 25.17 -0.61 7.49
CA GLU B 135 25.18 -0.62 7.46
C GLU B 135 25.65 -0.59 6.03
C GLU B 135 25.55 -0.48 5.98
N ALA B 136 25.05 -1.42 5.17
CA ALA B 136 25.41 -1.44 3.76
C ALA B 136 25.12 -0.12 3.04
N LEU B 137 23.93 0.44 3.29
CA LEU B 137 23.42 1.60 2.57
C LEU B 137 23.64 2.93 3.31
N LYS B 138 24.28 2.87 4.47
N LYS B 138 24.28 2.85 4.47
CA LYS B 138 24.66 4.03 5.27
CA LYS B 138 24.65 4.02 5.29
C LYS B 138 23.42 4.82 5.73
C LYS B 138 23.42 4.81 5.73
N ILE B 139 22.43 4.07 6.23
CA ILE B 139 21.15 4.63 6.65
C ILE B 139 21.23 4.93 8.13
N PRO B 140 20.95 6.18 8.55
CA PRO B 140 20.87 6.47 10.01
C PRO B 140 20.00 5.45 10.79
N ASP B 141 20.47 5.08 11.97
CA ASP B 141 19.85 4.01 12.74
C ASP B 141 18.49 4.39 13.34
N ASN B 142 18.13 5.67 13.33
CA ASN B 142 16.78 6.10 13.76
C ASN B 142 15.71 5.92 12.66
N LEU B 143 16.08 5.52 11.46
CA LEU B 143 15.13 5.24 10.41
C LEU B 143 14.84 3.75 10.32
N ARG B 144 13.83 3.37 9.52
CA ARG B 144 13.39 1.98 9.39
C ARG B 144 13.45 1.58 7.93
N VAL B 145 14.01 0.41 7.66
CA VAL B 145 13.93 -0.21 6.33
C VAL B 145 12.61 -0.99 6.25
N VAL B 146 11.67 -0.49 5.47
CA VAL B 146 10.34 -1.09 5.41
C VAL B 146 10.28 -2.35 4.52
N ALA B 147 10.74 -2.21 3.29
CA ALA B 147 10.71 -3.26 2.30
C ALA B 147 11.68 -2.90 1.21
N LEU B 148 11.96 -3.89 0.39
CA LEU B 148 12.80 -3.72 -0.80
C LEU B 148 12.30 -4.66 -1.90
N THR B 149 12.68 -4.38 -3.13
CA THR B 149 12.36 -5.25 -4.24
C THR B 149 13.43 -5.21 -5.32
N PRO B 150 13.73 -6.38 -5.92
CA PRO B 150 14.48 -6.34 -7.16
C PRO B 150 13.64 -5.66 -8.26
N LEU B 151 14.30 -5.19 -9.29
CA LEU B 151 13.64 -4.57 -10.45
C LEU B 151 14.38 -5.08 -11.66
N GLY B 152 13.68 -5.70 -12.61
CA GLY B 152 14.32 -6.20 -13.82
C GLY B 152 13.29 -6.66 -14.85
N VAL B 153 13.76 -6.92 -16.05
CA VAL B 153 12.92 -7.63 -16.99
C VAL B 153 12.81 -9.10 -16.57
N PRO B 154 11.59 -9.63 -16.39
CA PRO B 154 11.51 -11.06 -16.05
C PRO B 154 12.04 -11.98 -17.11
N LYS B 155 12.65 -13.09 -16.67
CA LYS B 155 12.92 -14.19 -17.57
C LYS B 155 11.59 -14.79 -18.03
N ASP B 156 11.56 -15.23 -19.28
CA ASP B 156 10.35 -15.80 -19.87
C ASP B 156 9.74 -16.89 -18.98
N SER B 157 10.60 -17.73 -18.41
CA SER B 157 10.19 -18.68 -17.39
C SER B 157 9.40 -18.00 -16.29
N PRO B 165 0.57 20.24 -3.78
CA PRO B 165 1.96 20.44 -3.37
C PRO B 165 2.90 19.39 -3.97
N LYS B 166 3.43 19.72 -5.14
CA LYS B 166 4.19 18.81 -5.98
C LYS B 166 5.58 18.59 -5.38
N LYS B 167 5.88 17.35 -5.05
CA LYS B 167 7.16 16.96 -4.49
C LYS B 167 8.24 16.96 -5.57
N ASP B 168 9.45 17.38 -5.20
CA ASP B 168 10.58 17.18 -6.11
C ASP B 168 11.16 15.80 -5.82
N ASP B 170 13.71 14.43 -6.62
CA ASP B 170 15.13 14.46 -6.33
C ASP B 170 15.41 14.43 -4.82
N GLU B 171 14.54 15.04 -4.01
CA GLU B 171 14.68 14.99 -2.54
C GLU B 171 14.36 13.61 -1.92
N TYR B 172 13.85 12.69 -2.73
CA TYR B 172 13.28 11.43 -2.21
C TYR B 172 13.88 10.18 -2.86
N LEU B 173 14.92 10.37 -3.67
CA LEU B 173 15.54 9.30 -4.45
C LEU B 173 17.06 9.37 -4.41
N TYR B 174 17.65 8.32 -3.88
CA TYR B 174 19.07 8.19 -3.69
C TYR B 174 19.63 7.06 -4.55
N ILE B 175 20.94 7.09 -4.75
CA ILE B 175 21.65 6.02 -5.48
C ILE B 175 22.73 5.45 -4.55
N ASP B 176 22.58 4.16 -4.25
CA ASP B 176 23.53 3.30 -3.52
C ASP B 176 23.69 3.61 -2.02
N LYS B 177 23.59 4.89 -1.68
CA LYS B 177 23.89 5.39 -0.36
C LYS B 177 22.86 6.44 0.05
N TRP B 178 22.41 6.36 1.29
CA TRP B 178 21.48 7.33 1.84
C TRP B 178 22.07 8.74 1.77
N GLY B 179 21.31 9.68 1.18
CA GLY B 179 21.76 11.08 1.06
C GLY B 179 22.42 11.45 -0.26
N THR B 180 22.83 10.45 -1.04
CA THR B 180 23.43 10.70 -2.36
C THR B 180 22.32 10.71 -3.45
N SER B 181 22.08 11.89 -3.99
CA SER B 181 21.07 12.13 -5.03
C SER B 181 21.21 11.23 -6.26
N PHE B 182 20.14 10.52 -6.59
CA PHE B 182 20.11 9.73 -7.82
C PHE B 182 20.20 10.67 -9.03
N GLU B 184 21.05 13.80 -9.50
CA GLU B 184 22.16 14.73 -9.66
C GLU B 184 23.48 14.00 -9.88
N SER B 185 23.48 12.68 -9.75
CA SER B 185 24.75 11.93 -9.88
C SER B 185 24.98 11.43 -11.31
N ASN B 186 26.25 11.29 -11.65
CA ASN B 186 26.65 10.53 -12.84
C ASN B 186 26.54 9.06 -12.46
N VAL B 187 25.31 8.53 -12.54
CA VAL B 187 25.00 7.19 -12.01
C VAL B 187 25.51 6.07 -12.93
#